data_4OYZ
#
_entry.id   4OYZ
#
_cell.length_a   99.838
_cell.length_b   99.838
_cell.length_c   98.162
_cell.angle_alpha   90.00
_cell.angle_beta   90.00
_cell.angle_gamma   120.00
#
_symmetry.space_group_name_H-M   'P 63'
#
loop_
_entity.id
_entity.type
_entity.pdbx_description
1 polymer 'Adenylate cyclase type 10'
2 non-polymer GLYCEROL
3 non-polymer 'BICARBONATE ION'
4 water water
#
_entity_poly.entity_id   1
_entity_poly.type   'polypeptide(L)'
_entity_poly.pdbx_seq_one_letter_code
;(ACE)MNTPKEEFQDWPIVRIAAHLPDLIVYGHFSPERPFMDYFDGVLMFVDISGFTAMTEKFSSAMYMDRGAEQLVEIL
NYHISAIVEKVLIFGGDILKFAGDALLALWRVERKQLKNIITVVIKCSLEIHGLFETQEWEEGLDIRVKIGLAAGHISML
VFGDETHSHFLVIGQAVDDVRLAQNMAQMNDVILSPNCWQLCDRSMIEIESVPDQRAVKVNFLKPPPNFNFDEFFTKCTT
FMHYYPSGEHKNLLRLA(CME)TLKPDPELEMSLQKYVMESILKQIDNKQLQGYLSELRPVTIVFVNLMFEDQDKAEEIG
PAIQDAYMHITSVLKIFQGQINKVFMFDKGCSFLCVFGFPGEKVPDELTHALECAMDIFDFCSQVHKIQTVSIGVASGIV
FCGIVGHTVRHEYTVIGQKVNLAARMMMYYPGIVTCDSVTYNGSNLPAYFFKELPKKVMKGVADSGPLYQYWGRTEKV
;
_entity_poly.pdbx_strand_id   A
#
loop_
_chem_comp.id
_chem_comp.type
_chem_comp.name
_chem_comp.formula
ACE non-polymer 'ACETYL GROUP' 'C2 H4 O'
BCT non-polymer 'BICARBONATE ION' 'C H O3 -1'
GOL non-polymer GLYCEROL 'C3 H8 O3'
#
# COMPACT_ATOMS: atom_id res chain seq x y z
C ACE A 1 18.50 47.35 -10.05
O ACE A 1 18.68 47.08 -11.26
CH3 ACE A 1 18.01 48.75 -9.59
N MET A 2 18.72 46.48 -9.07
CA MET A 2 19.17 45.13 -9.36
C MET A 2 18.13 44.31 -10.01
N ASN A 3 18.58 43.31 -10.81
CA ASN A 3 17.69 42.31 -11.34
C ASN A 3 17.10 41.47 -10.21
N THR A 4 15.96 40.85 -10.49
CA THR A 4 15.27 39.96 -9.55
C THR A 4 14.97 38.67 -10.31
N PRO A 5 15.97 37.80 -10.59
CA PRO A 5 15.64 36.51 -11.23
C PRO A 5 14.72 35.67 -10.33
N LYS A 6 13.66 35.09 -10.90
CA LYS A 6 12.71 34.33 -10.09
C LYS A 6 13.08 32.84 -10.06
N GLU A 7 12.07 31.96 -9.80
CA GLU A 7 12.16 30.49 -9.90
C GLU A 7 13.24 29.92 -8.99
N GLU A 8 12.90 29.74 -7.70
CA GLU A 8 13.72 28.99 -6.73
C GLU A 8 13.98 27.57 -7.26
N PHE A 9 15.19 27.03 -6.99
CA PHE A 9 15.46 25.63 -7.30
C PHE A 9 14.57 24.79 -6.37
N GLN A 10 13.87 23.80 -6.95
CA GLN A 10 13.05 22.90 -6.15
C GLN A 10 13.32 21.42 -6.49
N ASP A 11 14.50 21.08 -7.06
CA ASP A 11 14.70 19.65 -7.42
C ASP A 11 15.73 18.93 -6.52
N TRP A 12 15.81 19.34 -5.27
CA TRP A 12 16.79 18.81 -4.33
C TRP A 12 16.56 17.31 -4.02
N PRO A 13 17.61 16.53 -3.71
CA PRO A 13 17.40 15.17 -3.22
C PRO A 13 16.36 15.04 -2.11
N ILE A 14 16.34 15.94 -1.12
CA ILE A 14 15.30 15.79 -0.08
C ILE A 14 13.85 15.90 -0.63
N VAL A 15 13.65 16.72 -1.65
CA VAL A 15 12.31 16.89 -2.29
C VAL A 15 11.97 15.58 -3.03
N ARG A 16 12.96 15.00 -3.72
CA ARG A 16 12.73 13.77 -4.46
C ARG A 16 12.41 12.60 -3.52
N ILE A 17 13.10 12.52 -2.36
CA ILE A 17 12.81 11.50 -1.35
C ILE A 17 11.38 11.70 -0.85
N ALA A 18 10.99 12.95 -0.56
CA ALA A 18 9.66 13.24 0.00
C ALA A 18 8.51 12.81 -0.93
N ALA A 19 8.74 12.74 -2.26
CA ALA A 19 7.67 12.27 -3.18
C ALA A 19 7.25 10.84 -2.79
N HIS A 20 8.16 10.07 -2.19
CA HIS A 20 7.90 8.67 -1.83
C HIS A 20 7.19 8.50 -0.46
N LEU A 21 6.89 9.62 0.20
CA LEU A 21 6.36 9.56 1.57
C LEU A 21 5.15 10.49 1.79
N PRO A 22 4.25 10.14 2.73
CA PRO A 22 3.13 11.02 3.03
C PRO A 22 3.59 12.16 3.93
N ASP A 23 2.78 13.23 4.00
CA ASP A 23 2.97 14.33 4.97
C ASP A 23 3.02 13.83 6.42
N LEU A 24 2.32 12.74 6.70
CA LEU A 24 2.32 12.15 8.03
C LEU A 24 3.75 11.88 8.49
N ILE A 25 4.62 11.45 7.54
CA ILE A 25 6.05 11.19 7.85
C ILE A 25 6.89 12.44 7.62
N VAL A 26 6.73 13.08 6.44
CA VAL A 26 7.60 14.19 6.06
C VAL A 26 7.64 15.26 7.12
N TYR A 27 6.43 15.60 7.63
CA TYR A 27 6.27 16.65 8.68
C TYR A 27 6.04 16.07 10.10
N GLY A 28 6.34 14.78 10.24
CA GLY A 28 6.07 14.04 11.49
C GLY A 28 6.94 14.43 12.67
N HIS A 29 8.23 14.75 12.47
CA HIS A 29 9.15 15.11 13.60
C HIS A 29 9.01 14.22 14.89
N PHE A 30 9.02 12.88 14.78
CA PHE A 30 8.79 12.10 16.00
C PHE A 30 10.02 11.40 16.60
N SER A 31 9.82 10.77 17.77
CA SER A 31 10.81 10.12 18.62
C SER A 31 11.69 9.09 17.88
N PRO A 32 12.94 8.89 18.38
CA PRO A 32 13.80 7.87 17.78
C PRO A 32 13.43 6.44 18.21
N GLU A 33 12.70 6.29 19.34
CA GLU A 33 12.30 5.00 19.90
C GLU A 33 11.56 4.14 18.86
N ARG A 34 11.86 2.84 18.86
CA ARG A 34 11.18 1.91 17.97
C ARG A 34 10.70 0.73 18.81
N PRO A 35 9.37 0.43 18.84
CA PRO A 35 8.31 1.08 18.08
C PRO A 35 7.95 2.46 18.62
N PHE A 36 7.47 3.33 17.72
CA PHE A 36 6.92 4.63 18.07
C PHE A 36 5.42 4.54 17.77
N MET A 37 4.57 4.97 18.72
CA MET A 37 3.15 5.02 18.47
C MET A 37 2.57 6.40 18.69
N ASP A 38 1.64 6.81 17.82
CA ASP A 38 0.92 8.07 18.03
C ASP A 38 -0.55 7.87 17.67
N TYR A 39 -1.42 8.77 18.13
CA TYR A 39 -2.88 8.57 18.13
C TYR A 39 -3.51 9.88 17.65
N PHE A 40 -4.51 9.79 16.77
CA PHE A 40 -5.19 11.01 16.26
C PHE A 40 -6.53 10.58 15.70
N ASP A 41 -7.27 11.49 15.07
CA ASP A 41 -8.53 11.17 14.41
C ASP A 41 -8.44 11.62 12.99
N GLY A 42 -9.23 11.00 12.13
CA GLY A 42 -9.26 11.45 10.75
C GLY A 42 -10.28 10.70 9.93
N VAL A 43 -10.29 11.03 8.64
CA VAL A 43 -11.11 10.34 7.65
C VAL A 43 -10.17 9.59 6.71
N LEU A 44 -10.49 8.33 6.40
CA LEU A 44 -9.66 7.50 5.53
C LEU A 44 -10.42 7.22 4.25
N MET A 45 -9.72 7.28 3.14
CA MET A 45 -10.25 6.85 1.86
C MET A 45 -9.38 5.72 1.32
N PHE A 46 -10.00 4.65 0.88
CA PHE A 46 -9.30 3.49 0.32
C PHE A 46 -9.85 3.30 -1.08
N VAL A 47 -8.99 3.48 -2.08
CA VAL A 47 -9.35 3.44 -3.50
C VAL A 47 -8.77 2.13 -4.03
N ASP A 48 -9.64 1.20 -4.37
CA ASP A 48 -9.23 -0.06 -4.95
C ASP A 48 -8.88 0.18 -6.42
N ILE A 49 -7.61 -0.02 -6.76
CA ILE A 49 -7.16 0.15 -8.15
C ILE A 49 -6.79 -1.23 -8.79
N SER A 50 -7.37 -2.32 -8.26
CA SER A 50 -7.06 -3.67 -8.79
C SER A 50 -7.47 -3.83 -10.25
N GLY A 51 -8.48 -3.08 -10.68
CA GLY A 51 -8.86 -2.99 -12.09
C GLY A 51 -7.74 -2.46 -12.97
N PHE A 52 -6.87 -1.61 -12.40
CA PHE A 52 -5.75 -1.04 -13.15
C PHE A 52 -4.60 -2.03 -13.11
N THR A 53 -4.27 -2.55 -11.93
CA THR A 53 -3.11 -3.45 -11.80
C THR A 53 -3.34 -4.81 -12.47
N ALA A 54 -4.61 -5.16 -12.74
CA ALA A 54 -4.96 -6.34 -13.54
C ALA A 54 -4.33 -6.29 -14.95
N MET A 55 -3.89 -5.07 -15.40
CA MET A 55 -3.26 -4.89 -16.73
C MET A 55 -1.85 -5.57 -16.86
N THR A 56 -1.26 -6.06 -15.76
CA THR A 56 0.01 -6.83 -15.87
C THR A 56 -0.14 -7.96 -16.87
N GLU A 57 -1.34 -8.54 -16.96
CA GLU A 57 -1.62 -9.61 -17.92
C GLU A 57 -1.69 -9.12 -19.35
N LYS A 58 -2.44 -8.02 -19.62
CA LYS A 58 -2.48 -7.39 -20.96
C LYS A 58 -1.00 -7.14 -21.43
N PHE A 59 -0.17 -6.58 -20.55
CA PHE A 59 1.18 -6.15 -20.95
C PHE A 59 2.23 -7.26 -20.91
N SER A 60 1.83 -8.49 -20.48
CA SER A 60 2.71 -9.67 -20.63
C SER A 60 2.69 -10.19 -22.08
N SER A 61 1.70 -9.78 -22.88
CA SER A 61 1.58 -10.26 -24.26
C SER A 61 2.87 -9.98 -25.08
N ALA A 62 3.27 -10.95 -25.95
CA ALA A 62 4.32 -10.72 -26.97
C ALA A 62 4.01 -9.49 -27.87
N MET A 63 2.73 -9.10 -27.96
CA MET A 63 2.32 -7.94 -28.80
C MET A 63 3.06 -6.64 -28.37
N TYR A 64 3.51 -6.54 -27.10
CA TYR A 64 4.17 -5.33 -26.56
C TYR A 64 5.68 -5.34 -26.82
N MET A 65 6.12 -6.40 -27.52
CA MET A 65 7.49 -6.49 -28.00
C MET A 65 8.43 -6.37 -26.78
N ASP A 66 9.42 -5.56 -26.81
CA ASP A 66 10.18 -5.74 -25.55
C ASP A 66 9.84 -4.68 -24.49
N ARG A 67 8.66 -4.03 -24.63
CA ARG A 67 8.38 -2.81 -23.87
C ARG A 67 7.13 -2.88 -23.00
N GLY A 68 6.71 -4.11 -22.60
CA GLY A 68 5.53 -4.28 -21.75
C GLY A 68 5.64 -3.52 -20.44
N ALA A 69 6.81 -3.57 -19.77
CA ALA A 69 6.95 -2.88 -18.47
C ALA A 69 6.85 -1.37 -18.62
N GLU A 70 7.51 -0.84 -19.65
CA GLU A 70 7.52 0.61 -19.94
C GLU A 70 6.11 1.10 -20.25
N GLN A 71 5.35 0.32 -21.06
CA GLN A 71 4.01 0.71 -21.47
C GLN A 71 3.09 0.61 -20.25
N LEU A 72 3.28 -0.44 -19.43
CA LEU A 72 2.44 -0.56 -18.22
C LEU A 72 2.63 0.60 -17.27
N VAL A 73 3.86 0.94 -16.93
CA VAL A 73 4.07 2.03 -15.98
CA VAL A 73 4.16 2.07 -16.01
C VAL A 73 3.51 3.36 -16.56
N GLU A 74 3.66 3.59 -17.88
CA GLU A 74 3.17 4.82 -18.49
C GLU A 74 1.64 4.93 -18.35
N ILE A 75 0.92 3.88 -18.67
CA ILE A 75 -0.54 3.94 -18.64
C ILE A 75 -1.05 3.97 -17.17
N LEU A 76 -0.44 3.17 -16.30
CA LEU A 76 -0.77 3.17 -14.85
C LEU A 76 -0.54 4.56 -14.28
N ASN A 77 0.62 5.15 -14.56
CA ASN A 77 0.93 6.50 -14.05
C ASN A 77 -0.02 7.54 -14.60
N TYR A 78 -0.43 7.42 -15.87
CA TYR A 78 -1.41 8.32 -16.46
C TYR A 78 -2.72 8.37 -15.64
N HIS A 79 -3.31 7.21 -15.38
CA HIS A 79 -4.59 7.12 -14.67
C HIS A 79 -4.40 7.36 -13.18
N ILE A 80 -3.36 6.78 -12.58
CA ILE A 80 -3.17 6.95 -11.14
C ILE A 80 -2.83 8.40 -10.79
N SER A 81 -2.06 9.11 -11.65
CA SER A 81 -1.75 10.54 -11.43
C SER A 81 -3.03 11.38 -11.27
N ALA A 82 -4.08 11.05 -12.04
CA ALA A 82 -5.34 11.80 -12.02
C ALA A 82 -6.01 11.60 -10.66
N ILE A 83 -5.97 10.38 -10.12
CA ILE A 83 -6.52 10.07 -8.79
C ILE A 83 -5.73 10.84 -7.71
N VAL A 84 -4.42 10.74 -7.76
CA VAL A 84 -3.55 11.46 -6.82
C VAL A 84 -3.83 12.96 -6.83
N GLU A 85 -3.95 13.57 -8.03
CA GLU A 85 -4.20 15.02 -8.10
C GLU A 85 -5.52 15.37 -7.41
N LYS A 86 -6.59 14.60 -7.65
CA LYS A 86 -7.87 14.76 -6.97
C LYS A 86 -7.71 14.71 -5.45
N VAL A 87 -7.06 13.66 -4.92
CA VAL A 87 -6.89 13.54 -3.46
C VAL A 87 -6.15 14.80 -2.93
N LEU A 88 -5.01 15.14 -3.58
CA LEU A 88 -4.20 16.25 -3.07
C LEU A 88 -4.92 17.59 -3.11
N ILE A 89 -5.66 17.90 -4.24
CA ILE A 89 -6.33 19.20 -4.37
C ILE A 89 -7.48 19.26 -3.33
N PHE A 90 -8.13 18.11 -3.02
CA PHE A 90 -9.18 18.06 -1.94
C PHE A 90 -8.57 18.02 -0.52
N GLY A 91 -7.23 18.14 -0.41
CA GLY A 91 -6.61 18.31 0.91
C GLY A 91 -6.18 17.05 1.64
N GLY A 92 -6.20 15.93 0.92
CA GLY A 92 -5.82 14.65 1.47
C GLY A 92 -4.34 14.33 1.45
N ASP A 93 -3.91 13.38 2.26
CA ASP A 93 -2.50 12.93 2.31
C ASP A 93 -2.47 11.49 1.81
N ILE A 94 -1.75 11.20 0.72
CA ILE A 94 -1.74 9.81 0.24
C ILE A 94 -0.75 9.06 1.12
N LEU A 95 -1.25 8.09 1.91
CA LEU A 95 -0.38 7.37 2.85
C LEU A 95 0.45 6.31 2.16
N LYS A 96 -0.20 5.50 1.28
CA LYS A 96 0.43 4.28 0.75
C LYS A 96 -0.23 3.84 -0.54
N PHE A 97 0.58 3.30 -1.44
CA PHE A 97 0.11 2.54 -2.61
C PHE A 97 0.46 1.12 -2.15
N ALA A 98 -0.52 0.36 -1.64
CA ALA A 98 -0.22 -0.99 -1.14
C ALA A 98 -1.44 -1.83 -1.37
N GLY A 99 -1.26 -3.14 -1.62
CA GLY A 99 -2.37 -4.06 -1.84
C GLY A 99 -3.29 -3.66 -2.98
N ASP A 100 -2.73 -3.18 -4.11
CA ASP A 100 -3.52 -2.80 -5.32
C ASP A 100 -4.55 -1.68 -4.95
N ALA A 101 -4.14 -0.76 -4.07
CA ALA A 101 -5.05 0.28 -3.59
C ALA A 101 -4.25 1.51 -3.20
N LEU A 102 -4.93 2.67 -3.10
CA LEU A 102 -4.33 3.89 -2.54
C LEU A 102 -5.07 4.13 -1.23
N LEU A 103 -4.34 4.38 -0.18
CA LEU A 103 -4.94 4.71 1.08
C LEU A 103 -4.61 6.16 1.31
N ALA A 104 -5.62 6.98 1.56
CA ALA A 104 -5.40 8.41 1.84
C ALA A 104 -6.01 8.80 3.19
N LEU A 105 -5.54 9.89 3.75
CA LEU A 105 -5.96 10.35 5.07
C LEU A 105 -6.20 11.85 5.08
N TRP A 106 -7.29 12.26 5.74
CA TRP A 106 -7.53 13.65 6.12
C TRP A 106 -7.50 13.63 7.64
N ARG A 107 -6.36 14.04 8.20
CA ARG A 107 -6.17 14.13 9.63
C ARG A 107 -6.78 15.44 10.12
N VAL A 108 -7.70 15.32 11.07
CA VAL A 108 -8.34 16.53 11.61
C VAL A 108 -8.77 16.34 13.07
N GLU A 109 -8.91 17.44 13.82
CA GLU A 109 -9.54 17.36 15.15
C GLU A 109 -10.95 16.78 15.05
N ARG A 110 -11.39 16.07 16.10
CA ARG A 110 -12.68 15.39 16.20
C ARG A 110 -13.88 16.26 15.83
N LYS A 111 -13.89 17.54 16.25
CA LYS A 111 -14.99 18.48 15.96
C LYS A 111 -15.13 18.73 14.48
N GLN A 112 -14.06 18.55 13.72
CA GLN A 112 -14.12 18.82 12.29
C GLN A 112 -14.40 17.60 11.41
N LEU A 113 -14.50 16.41 12.00
CA LEU A 113 -14.72 15.18 11.22
C LEU A 113 -15.99 15.28 10.35
N LYS A 114 -17.12 15.73 10.92
CA LYS A 114 -18.36 15.90 10.16
C LYS A 114 -18.14 16.66 8.84
N ASN A 115 -17.55 17.89 8.90
CA ASN A 115 -17.38 18.66 7.68
C ASN A 115 -16.36 18.03 6.72
N ILE A 116 -15.30 17.44 7.25
CA ILE A 116 -14.30 16.81 6.40
C ILE A 116 -14.85 15.59 5.70
N ILE A 117 -15.75 14.83 6.34
CA ILE A 117 -16.40 13.71 5.64
C ILE A 117 -17.11 14.20 4.34
N THR A 118 -17.77 15.35 4.42
CA THR A 118 -18.38 15.98 3.24
C THR A 118 -17.35 16.24 2.13
N VAL A 119 -16.20 16.83 2.48
CA VAL A 119 -15.14 17.07 1.49
C VAL A 119 -14.71 15.74 0.86
N VAL A 120 -14.52 14.71 1.71
CA VAL A 120 -13.99 13.40 1.23
C VAL A 120 -15.02 12.66 0.33
N ILE A 121 -16.31 12.76 0.68
CA ILE A 121 -17.35 12.20 -0.20
C ILE A 121 -17.33 12.90 -1.58
N LYS A 122 -17.24 14.25 -1.57
CA LYS A 122 -17.17 15.01 -2.85
C LYS A 122 -15.94 14.58 -3.69
N CYS A 123 -14.81 14.44 -3.02
CA CYS A 123 -13.55 13.94 -3.66
C CYS A 123 -13.79 12.56 -4.31
N SER A 124 -14.39 11.62 -3.53
CA SER A 124 -14.69 10.23 -3.98
C SER A 124 -15.53 10.27 -5.23
N LEU A 125 -16.61 11.08 -5.23
CA LEU A 125 -17.46 11.17 -6.43
C LEU A 125 -16.72 11.76 -7.62
N GLU A 126 -15.84 12.74 -7.39
CA GLU A 126 -15.03 13.26 -8.48
C GLU A 126 -13.97 12.26 -9.01
N ILE A 127 -13.44 11.40 -8.13
CA ILE A 127 -12.56 10.29 -8.57
C ILE A 127 -13.33 9.37 -9.53
N HIS A 128 -14.53 8.92 -9.12
CA HIS A 128 -15.35 8.12 -10.02
C HIS A 128 -15.60 8.82 -11.37
N GLY A 129 -15.84 10.12 -11.32
CA GLY A 129 -16.05 11.02 -12.47
C GLY A 129 -14.93 10.99 -13.50
N LEU A 130 -13.69 10.70 -13.06
CA LEU A 130 -12.52 10.53 -13.96
C LEU A 130 -12.71 9.37 -14.93
N PHE A 131 -13.43 8.33 -14.50
CA PHE A 131 -13.43 7.06 -15.24
C PHE A 131 -14.78 6.73 -15.86
N GLU A 132 -15.67 7.73 -15.89
CA GLU A 132 -17.08 7.66 -16.33
C GLU A 132 -17.27 7.11 -17.74
N THR A 133 -16.42 7.52 -18.69
CA THR A 133 -16.45 7.07 -20.10
C THR A 133 -15.43 5.96 -20.40
N GLN A 134 -14.28 5.98 -19.71
CA GLN A 134 -13.03 5.31 -20.10
C GLN A 134 -13.08 3.78 -20.08
N GLU A 135 -12.59 3.15 -21.17
CA GLU A 135 -12.34 1.73 -21.43
C GLU A 135 -11.95 1.56 -22.91
N TRP A 136 -10.89 0.76 -23.19
CA TRP A 136 -10.48 0.44 -24.56
C TRP A 136 -10.37 -1.06 -24.82
N GLU A 137 -9.81 -1.82 -23.86
CA GLU A 137 -9.62 -3.28 -23.98
C GLU A 137 -10.92 -4.06 -23.72
N GLU A 138 -11.96 -3.38 -23.15
CA GLU A 138 -13.25 -3.95 -22.71
C GLU A 138 -13.08 -5.02 -21.61
N GLY A 139 -11.87 -5.06 -21.05
CA GLY A 139 -11.45 -5.94 -19.96
C GLY A 139 -10.49 -5.23 -19.03
N LEU A 140 -10.08 -5.93 -17.96
CA LEU A 140 -9.25 -5.43 -16.84
C LEU A 140 -9.96 -4.33 -16.01
N ASP A 141 -10.85 -3.50 -16.63
CA ASP A 141 -11.79 -2.54 -16.01
C ASP A 141 -11.12 -1.28 -15.39
N ILE A 142 -11.11 -0.19 -16.17
CA ILE A 142 -10.60 1.10 -15.72
C ILE A 142 -11.74 1.85 -15.02
N ARG A 143 -12.12 1.31 -13.85
CA ARG A 143 -13.01 1.87 -12.82
C ARG A 143 -12.45 1.51 -11.45
N VAL A 144 -12.95 2.15 -10.39
CA VAL A 144 -12.45 1.94 -9.03
C VAL A 144 -13.61 1.70 -8.02
N LYS A 145 -13.27 1.25 -6.84
CA LYS A 145 -14.22 1.02 -5.73
C LYS A 145 -13.66 1.82 -4.59
N ILE A 146 -14.52 2.54 -3.85
CA ILE A 146 -14.01 3.44 -2.79
C ILE A 146 -14.72 3.09 -1.46
N GLY A 147 -13.93 2.82 -0.43
CA GLY A 147 -14.39 2.76 0.95
C GLY A 147 -13.97 4.01 1.73
N LEU A 148 -14.84 4.53 2.60
CA LEU A 148 -14.50 5.68 3.45
C LEU A 148 -14.74 5.29 4.90
N ALA A 149 -13.88 5.75 5.80
CA ALA A 149 -14.11 5.51 7.23
C ALA A 149 -13.66 6.74 7.99
N ALA A 150 -14.09 6.84 9.24
CA ALA A 150 -13.72 8.01 10.04
C ALA A 150 -13.66 7.58 11.47
N GLY A 151 -12.77 8.21 12.21
CA GLY A 151 -12.67 7.94 13.64
C GLY A 151 -11.24 7.91 14.13
N HIS A 152 -11.01 7.10 15.16
CA HIS A 152 -9.73 7.02 15.85
C HIS A 152 -8.74 6.29 14.95
N ILE A 153 -7.54 6.87 14.81
CA ILE A 153 -6.46 6.26 13.99
C ILE A 153 -5.19 6.23 14.84
N SER A 154 -4.44 5.11 14.79
CA SER A 154 -3.15 5.03 15.49
C SER A 154 -2.10 4.88 14.42
N MET A 155 -0.90 5.37 14.69
CA MET A 155 0.20 5.25 13.74
C MET A 155 1.30 4.51 14.47
N LEU A 156 1.95 3.59 13.77
CA LEU A 156 3.05 2.82 14.32
C LEU A 156 4.24 3.03 13.41
N VAL A 157 5.38 3.43 13.97
CA VAL A 157 6.61 3.47 13.17
C VAL A 157 7.56 2.43 13.80
N PHE A 158 8.16 1.59 12.95
CA PHE A 158 9.02 0.53 13.46
C PHE A 158 10.22 0.43 12.53
N GLY A 159 11.26 -0.23 12.99
CA GLY A 159 12.46 -0.34 12.15
C GLY A 159 13.69 -0.34 13.00
N ASP A 160 14.80 -0.19 12.35
CA ASP A 160 16.10 -0.24 13.05
C ASP A 160 16.85 1.05 12.79
N GLU A 161 18.21 1.02 12.89
CA GLU A 161 18.97 2.24 12.74
C GLU A 161 19.10 2.67 11.28
N THR A 162 18.77 1.78 10.32
CA THR A 162 18.96 2.12 8.91
C THR A 162 17.64 2.23 8.14
N HIS A 163 16.60 1.47 8.57
CA HIS A 163 15.36 1.38 7.83
C HIS A 163 14.17 1.66 8.75
N SER A 164 13.12 2.27 8.19
CA SER A 164 11.92 2.59 8.97
C SER A 164 10.73 2.20 8.09
N HIS A 165 9.64 1.82 8.74
CA HIS A 165 8.36 1.58 8.06
C HIS A 165 7.30 2.17 8.95
N PHE A 166 6.14 2.48 8.36
CA PHE A 166 5.00 2.83 9.20
C PHE A 166 3.73 2.07 8.82
N LEU A 167 2.81 2.02 9.76
CA LEU A 167 1.45 1.51 9.53
C LEU A 167 0.47 2.43 10.21
N VAL A 168 -0.73 2.58 9.62
CA VAL A 168 -1.83 3.12 10.42
C VAL A 168 -2.72 1.95 10.80
N ILE A 169 -3.24 1.99 12.03
CA ILE A 169 -3.84 0.84 12.75
C ILE A 169 -5.16 1.37 13.34
N GLY A 170 -6.08 0.48 13.67
CA GLY A 170 -7.26 0.85 14.45
C GLY A 170 -8.59 0.52 13.82
N GLN A 171 -9.69 0.87 14.52
CA GLN A 171 -11.01 0.47 14.02
C GLN A 171 -11.34 1.19 12.71
N ALA A 172 -11.00 2.50 12.56
CA ALA A 172 -11.25 3.21 11.29
C ALA A 172 -10.44 2.55 10.13
N VAL A 173 -9.21 2.10 10.40
CA VAL A 173 -8.38 1.40 9.39
C VAL A 173 -9.02 0.06 9.01
N ASP A 174 -9.41 -0.75 10.01
CA ASP A 174 -10.12 -2.01 9.77
C ASP A 174 -11.37 -1.75 8.90
N ASP A 175 -12.15 -0.72 9.28
CA ASP A 175 -13.44 -0.34 8.66
C ASP A 175 -13.24 0.10 7.21
N VAL A 176 -12.15 0.83 6.92
CA VAL A 176 -12.00 1.38 5.56
C VAL A 176 -11.81 0.26 4.54
N ARG A 177 -11.02 -0.77 4.89
CA ARG A 177 -10.81 -1.88 3.94
C ARG A 177 -12.08 -2.75 3.86
N LEU A 178 -12.79 -2.94 4.98
CA LEU A 178 -14.07 -3.65 5.02
C LEU A 178 -15.14 -2.93 4.14
N ALA A 179 -15.23 -1.60 4.25
CA ALA A 179 -16.14 -0.78 3.43
C ALA A 179 -15.77 -0.93 1.94
N GLN A 180 -14.47 -0.80 1.58
CA GLN A 180 -14.10 -0.94 0.15
C GLN A 180 -14.48 -2.37 -0.38
N ASN A 181 -14.30 -3.41 0.42
CA ASN A 181 -14.65 -4.80 0.01
C ASN A 181 -16.15 -5.01 -0.27
N MET A 182 -17.02 -4.18 0.35
CA MET A 182 -18.48 -4.19 0.12
C MET A 182 -18.86 -3.49 -1.17
N ALA A 183 -17.99 -2.56 -1.62
CA ALA A 183 -18.23 -1.77 -2.80
C ALA A 183 -18.19 -2.61 -4.06
N GLN A 184 -19.09 -2.28 -5.01
CA GLN A 184 -19.00 -2.69 -6.40
C GLN A 184 -18.27 -1.56 -7.10
N MET A 185 -17.81 -1.77 -8.36
CA MET A 185 -17.23 -0.69 -9.14
C MET A 185 -18.18 0.47 -9.21
N ASN A 186 -17.61 1.72 -9.13
CA ASN A 186 -18.29 3.02 -9.14
C ASN A 186 -18.97 3.36 -7.82
N ASP A 187 -18.87 2.51 -6.79
CA ASP A 187 -19.51 2.78 -5.50
C ASP A 187 -18.60 3.51 -4.54
N VAL A 188 -19.27 4.26 -3.64
CA VAL A 188 -18.63 4.84 -2.45
C VAL A 188 -19.35 4.24 -1.25
N ILE A 189 -18.64 3.49 -0.43
CA ILE A 189 -19.25 2.88 0.77
C ILE A 189 -18.70 3.63 2.00
N LEU A 190 -19.60 4.03 2.93
CA LEU A 190 -19.20 4.63 4.20
C LEU A 190 -19.22 3.57 5.32
N SER A 191 -18.18 3.53 6.18
CA SER A 191 -18.18 2.64 7.35
C SER A 191 -19.34 3.02 8.29
N PRO A 192 -19.80 2.10 9.16
CA PRO A 192 -20.85 2.48 10.14
C PRO A 192 -20.49 3.74 10.93
N ASN A 193 -19.24 3.87 11.38
CA ASN A 193 -18.88 5.06 12.19
C ASN A 193 -18.86 6.32 11.33
N CYS A 194 -18.38 6.19 10.08
CA CYS A 194 -18.43 7.30 9.11
C CYS A 194 -19.87 7.78 8.90
N TRP A 195 -20.80 6.85 8.71
CA TRP A 195 -22.19 7.21 8.52
C TRP A 195 -22.76 7.83 9.82
N GLN A 196 -22.33 7.32 10.98
CA GLN A 196 -22.73 7.91 12.28
C GLN A 196 -22.23 9.36 12.44
N LEU A 197 -21.03 9.67 11.93
CA LEU A 197 -20.37 10.95 12.13
C LEU A 197 -20.68 11.98 11.05
N CYS A 198 -21.19 11.55 9.88
CA CYS A 198 -21.34 12.42 8.71
C CYS A 198 -22.51 13.40 8.79
N ASP A 199 -22.50 14.38 7.89
CA ASP A 199 -23.59 15.33 7.77
C ASP A 199 -24.68 14.72 6.86
N ARG A 200 -25.72 14.15 7.47
CA ARG A 200 -26.77 13.42 6.73
C ARG A 200 -27.60 14.30 5.80
N SER A 201 -27.55 15.64 5.99
CA SER A 201 -28.28 16.59 5.13
C SER A 201 -27.66 16.68 3.74
N MET A 202 -26.39 16.27 3.63
CA MET A 202 -25.64 16.36 2.39
C MET A 202 -25.96 15.21 1.45
N ILE A 203 -26.35 14.06 1.99
CA ILE A 203 -26.30 12.85 1.18
C ILE A 203 -27.55 12.04 1.25
N GLU A 204 -27.80 11.25 0.17
CA GLU A 204 -28.81 10.17 0.13
C GLU A 204 -28.07 8.85 0.08
N ILE A 205 -28.39 7.94 1.01
CA ILE A 205 -27.72 6.64 1.09
C ILE A 205 -28.69 5.48 0.86
N GLU A 206 -28.13 4.28 0.66
CA GLU A 206 -28.92 3.06 0.80
C GLU A 206 -28.16 2.06 1.66
N SER A 207 -28.92 1.20 2.37
CA SER A 207 -28.36 0.13 3.21
C SER A 207 -27.58 -0.88 2.37
N VAL A 208 -26.58 -1.52 2.99
CA VAL A 208 -25.83 -2.63 2.41
C VAL A 208 -26.35 -3.89 3.13
N PRO A 209 -26.89 -4.88 2.38
CA PRO A 209 -27.47 -6.07 3.04
C PRO A 209 -26.47 -6.79 3.95
N ASP A 210 -26.95 -7.18 5.17
CA ASP A 210 -26.18 -7.88 6.22
C ASP A 210 -24.95 -7.08 6.72
N GLN A 211 -25.02 -5.74 6.62
CA GLN A 211 -23.98 -4.80 7.04
C GLN A 211 -24.62 -3.51 7.56
N ARG A 212 -23.92 -2.84 8.49
CA ARG A 212 -24.33 -1.54 9.00
C ARG A 212 -23.64 -0.41 8.20
N ALA A 213 -22.79 -0.77 7.20
CA ALA A 213 -22.17 0.21 6.28
C ALA A 213 -23.22 0.68 5.29
N VAL A 214 -23.04 1.87 4.72
CA VAL A 214 -24.00 2.44 3.78
C VAL A 214 -23.35 2.80 2.44
N LYS A 215 -24.15 2.75 1.36
CA LYS A 215 -23.70 3.15 0.03
C LYS A 215 -24.17 4.59 -0.22
N VAL A 216 -23.28 5.48 -0.72
CA VAL A 216 -23.70 6.83 -1.09
C VAL A 216 -24.38 6.77 -2.44
N ASN A 217 -25.68 7.09 -2.53
CA ASN A 217 -26.35 7.23 -3.82
C ASN A 217 -26.08 8.58 -4.46
N PHE A 218 -26.17 9.67 -3.68
CA PHE A 218 -26.02 11.04 -4.18
C PHE A 218 -25.50 11.95 -3.08
N LEU A 219 -24.69 12.93 -3.51
CA LEU A 219 -24.37 14.11 -2.75
C LEU A 219 -25.31 15.19 -3.26
N LYS A 220 -26.31 15.52 -2.47
CA LYS A 220 -27.32 16.54 -2.71
C LYS A 220 -27.40 17.51 -1.49
N PRO A 221 -26.55 18.54 -1.57
CA PRO A 221 -26.43 19.51 -0.48
C PRO A 221 -27.66 20.42 -0.37
N PRO A 222 -27.81 21.16 0.76
CA PRO A 222 -28.93 22.12 0.86
C PRO A 222 -28.92 23.23 -0.22
N PRO A 223 -30.07 23.86 -0.50
CA PRO A 223 -30.16 24.92 -1.53
C PRO A 223 -29.17 26.08 -1.48
N ASN A 224 -28.74 26.52 -0.28
CA ASN A 224 -27.83 27.66 -0.16
C ASN A 224 -26.33 27.22 -0.10
N PHE A 225 -26.05 25.93 -0.33
CA PHE A 225 -24.71 25.38 -0.18
C PHE A 225 -23.79 25.79 -1.34
N ASN A 226 -22.56 26.18 -1.01
CA ASN A 226 -21.58 26.53 -2.01
C ASN A 226 -20.32 25.76 -1.64
N PHE A 227 -20.00 24.73 -2.44
CA PHE A 227 -18.86 23.85 -2.07
C PHE A 227 -17.56 24.62 -1.98
N ASP A 228 -17.30 25.58 -2.89
CA ASP A 228 -16.00 26.28 -2.88
C ASP A 228 -15.82 27.07 -1.60
N GLU A 229 -16.88 27.77 -1.14
CA GLU A 229 -16.87 28.51 0.11
C GLU A 229 -16.75 27.55 1.32
N PHE A 230 -17.45 26.39 1.27
CA PHE A 230 -17.38 25.38 2.33
C PHE A 230 -15.92 24.82 2.40
N PHE A 231 -15.34 24.51 1.23
CA PHE A 231 -13.99 23.95 1.19
C PHE A 231 -13.01 24.96 1.78
N THR A 232 -13.10 26.26 1.42
CA THR A 232 -12.24 27.31 1.98
C THR A 232 -12.33 27.28 3.52
N LYS A 233 -13.54 27.18 4.07
CA LYS A 233 -13.71 27.08 5.52
C LYS A 233 -12.95 25.86 6.08
N CYS A 234 -13.06 24.69 5.40
CA CYS A 234 -12.38 23.46 5.86
C CYS A 234 -10.88 23.57 5.83
N THR A 235 -10.34 24.39 4.94
CA THR A 235 -8.86 24.51 4.84
C THR A 235 -8.25 25.13 6.06
N THR A 236 -9.04 25.83 6.88
CA THR A 236 -8.57 26.35 8.17
C THR A 236 -7.96 25.26 9.02
N PHE A 237 -8.50 24.05 8.86
CA PHE A 237 -8.10 22.91 9.66
C PHE A 237 -7.09 21.99 8.98
N MET A 238 -6.63 22.34 7.76
CA MET A 238 -5.67 21.55 6.96
C MET A 238 -4.30 22.23 7.09
N HIS A 239 -3.46 21.67 7.97
CA HIS A 239 -2.15 22.24 8.35
C HIS A 239 -1.27 22.50 7.13
N TYR A 240 -1.26 21.59 6.15
CA TYR A 240 -0.27 21.66 5.09
C TYR A 240 -0.88 21.96 3.73
N TYR A 241 -2.09 22.47 3.70
CA TYR A 241 -2.70 22.75 2.39
C TYR A 241 -1.91 23.86 1.68
N PRO A 242 -1.43 23.62 0.44
CA PRO A 242 -0.59 24.65 -0.22
C PRO A 242 -1.34 25.96 -0.36
N SER A 243 -0.71 27.08 0.05
CA SER A 243 -1.47 28.34 0.08
C SER A 243 -0.58 29.56 -0.20
N GLY A 244 -1.23 30.71 -0.39
CA GLY A 244 -0.54 31.98 -0.64
C GLY A 244 0.39 31.90 -1.84
N GLU A 245 1.68 32.24 -1.63
CA GLU A 245 2.70 32.10 -2.69
C GLU A 245 2.82 30.67 -3.24
N HIS A 246 2.38 29.66 -2.47
CA HIS A 246 2.56 28.27 -2.90
C HIS A 246 1.25 27.58 -3.31
N LYS A 247 0.18 28.38 -3.54
CA LYS A 247 -1.13 27.84 -3.91
C LYS A 247 -1.13 27.12 -5.29
N ASN A 248 -0.06 27.26 -6.07
CA ASN A 248 0.06 26.59 -7.38
C ASN A 248 0.71 25.18 -7.26
N LEU A 249 1.09 24.77 -6.03
CA LEU A 249 1.81 23.50 -5.83
C LEU A 249 0.84 22.45 -5.33
N LEU A 250 1.04 21.19 -5.73
CA LEU A 250 0.14 20.15 -5.24
C LEU A 250 0.49 19.71 -3.79
N ARG A 251 1.76 19.90 -3.41
CA ARG A 251 2.24 19.52 -2.05
C ARG A 251 3.18 20.61 -1.51
N LEU A 252 3.01 20.93 -0.23
CA LEU A 252 3.97 21.75 0.51
C LEU A 252 5.36 21.08 0.47
N ALA A 253 5.40 19.73 0.42
CA ALA A 253 6.69 18.99 0.40
C ALA A 253 7.54 19.40 -0.82
N CME A 254 6.91 19.89 -1.93
CA CME A 254 7.71 20.45 -3.04
CB CME A 254 6.83 20.86 -4.21
SG CME A 254 5.78 19.52 -4.81
SD CME A 254 7.10 17.96 -5.08
CE CME A 254 6.59 17.03 -3.59
CZ CME A 254 7.70 16.10 -3.17
OH CME A 254 8.29 15.59 -4.37
C CME A 254 8.61 21.64 -2.66
O CME A 254 9.54 21.96 -3.41
N THR A 255 8.32 22.28 -1.50
CA THR A 255 9.05 23.43 -1.01
C THR A 255 10.18 23.07 -0.01
N LEU A 256 10.37 21.76 0.30
CA LEU A 256 11.37 21.37 1.28
C LEU A 256 12.72 21.85 0.84
N LYS A 257 13.49 22.32 1.80
CA LYS A 257 14.87 22.72 1.48
C LYS A 257 15.87 21.74 2.15
N PRO A 258 17.10 21.62 1.61
CA PRO A 258 18.11 20.77 2.26
C PRO A 258 18.16 20.94 3.76
N ASP A 259 18.19 19.80 4.45
CA ASP A 259 18.18 19.73 5.91
C ASP A 259 18.74 18.32 6.17
N PRO A 260 20.07 18.19 6.43
CA PRO A 260 20.69 16.85 6.54
C PRO A 260 20.03 15.98 7.61
N GLU A 261 19.61 16.57 8.76
CA GLU A 261 18.99 15.77 9.85
C GLU A 261 17.64 15.17 9.35
N LEU A 262 16.83 15.99 8.67
CA LEU A 262 15.56 15.53 8.13
C LEU A 262 15.78 14.51 7.05
N GLU A 263 16.71 14.79 6.10
CA GLU A 263 16.95 13.84 5.03
C GLU A 263 17.43 12.49 5.56
N MET A 264 18.30 12.51 6.57
CA MET A 264 18.74 11.28 7.20
C MET A 264 17.56 10.45 7.71
N SER A 265 16.56 11.11 8.33
CA SER A 265 15.33 10.45 8.85
CA SER A 265 15.36 10.39 8.84
C SER A 265 14.47 9.89 7.70
N LEU A 266 14.24 10.72 6.68
CA LEU A 266 13.34 10.33 5.60
C LEU A 266 13.90 9.24 4.69
N GLN A 267 15.24 9.24 4.46
CA GLN A 267 15.74 8.23 3.52
C GLN A 267 15.57 6.80 4.05
N LYS A 268 15.46 6.64 5.36
CA LYS A 268 15.28 5.30 5.96
C LYS A 268 14.03 4.57 5.47
N TYR A 269 13.04 5.34 4.92
CA TYR A 269 11.76 4.77 4.49
C TYR A 269 11.81 4.28 3.07
N VAL A 270 12.92 4.58 2.37
CA VAL A 270 13.00 4.42 0.92
C VAL A 270 14.09 3.41 0.57
N MET A 271 13.82 2.52 -0.40
CA MET A 271 14.77 1.48 -0.85
CA MET A 271 14.76 1.49 -0.82
C MET A 271 16.06 2.11 -1.39
N GLU A 272 17.22 1.45 -1.15
CA GLU A 272 18.49 2.02 -1.58
C GLU A 272 18.59 2.19 -3.10
N SER A 273 17.97 1.25 -3.87
CA SER A 273 18.02 1.40 -5.34
C SER A 273 17.21 2.66 -5.78
N ILE A 274 16.16 3.03 -5.01
CA ILE A 274 15.44 4.32 -5.29
C ILE A 274 16.32 5.49 -4.97
N LEU A 275 17.07 5.41 -3.84
CA LEU A 275 17.91 6.54 -3.45
C LEU A 275 19.04 6.70 -4.52
N LYS A 276 19.49 5.60 -5.11
CA LYS A 276 20.54 5.64 -6.13
C LYS A 276 20.05 6.45 -7.34
N GLN A 277 18.78 6.22 -7.72
CA GLN A 277 18.17 6.95 -8.84
C GLN A 277 17.98 8.39 -8.48
N ILE A 278 17.50 8.65 -7.25
CA ILE A 278 17.33 10.03 -6.78
C ILE A 278 18.63 10.82 -6.80
N ASP A 279 19.74 10.12 -6.48
CA ASP A 279 21.07 10.72 -6.47
C ASP A 279 21.67 10.83 -7.87
N ASN A 280 20.87 10.52 -8.93
CA ASN A 280 21.34 10.51 -10.34
C ASN A 280 22.59 9.64 -10.51
N LYS A 281 22.62 8.49 -9.80
CA LYS A 281 23.66 7.47 -9.92
C LYS A 281 23.15 6.22 -10.61
N GLN A 282 21.90 6.29 -11.09
CA GLN A 282 21.32 5.20 -11.93
C GLN A 282 20.29 5.84 -12.83
N LEU A 283 20.10 5.22 -13.99
CA LEU A 283 19.19 5.83 -14.99
C LEU A 283 17.76 5.83 -14.48
N GLN A 284 16.96 6.85 -14.90
CA GLN A 284 15.65 7.10 -14.29
C GLN A 284 14.65 6.01 -14.65
N GLY A 285 14.93 5.26 -15.73
CA GLY A 285 14.04 4.19 -16.20
C GLY A 285 14.44 2.78 -15.76
N TYR A 286 15.56 2.65 -15.00
CA TYR A 286 16.14 1.35 -14.67
C TYR A 286 15.21 0.41 -13.87
N LEU A 287 14.35 0.99 -13.04
CA LEU A 287 13.55 0.15 -12.11
C LEU A 287 12.23 -0.24 -12.71
N SER A 288 11.88 0.28 -13.92
CA SER A 288 10.62 -0.16 -14.53
C SER A 288 10.95 -1.46 -15.30
N GLU A 289 10.49 -2.62 -14.79
CA GLU A 289 10.88 -3.88 -15.46
C GLU A 289 9.92 -5.00 -15.20
N LEU A 290 9.87 -5.95 -16.13
CA LEU A 290 9.25 -7.28 -15.90
C LEU A 290 10.39 -8.18 -15.51
N ARG A 291 10.44 -8.59 -14.22
CA ARG A 291 11.55 -9.43 -13.80
C ARG A 291 11.12 -10.67 -13.02
N PRO A 292 11.84 -11.80 -13.15
CA PRO A 292 11.52 -12.97 -12.30
C PRO A 292 11.96 -12.74 -10.87
N VAL A 293 11.00 -12.99 -9.95
CA VAL A 293 11.31 -12.81 -8.54
C VAL A 293 10.70 -13.99 -7.79
N THR A 294 11.02 -14.12 -6.51
CA THR A 294 10.23 -14.93 -5.60
C THR A 294 9.59 -14.00 -4.55
N ILE A 295 8.28 -14.07 -4.41
CA ILE A 295 7.52 -13.27 -3.45
C ILE A 295 7.42 -14.15 -2.20
N VAL A 296 7.77 -13.58 -1.04
CA VAL A 296 7.51 -14.21 0.28
C VAL A 296 6.59 -13.26 1.04
N PHE A 297 5.34 -13.64 1.15
CA PHE A 297 4.33 -12.73 1.70
C PHE A 297 4.03 -13.26 3.11
N VAL A 298 4.29 -12.44 4.15
CA VAL A 298 4.21 -12.87 5.56
C VAL A 298 3.03 -12.16 6.20
N ASN A 299 2.15 -12.91 6.81
CA ASN A 299 0.99 -12.39 7.47
C ASN A 299 1.07 -12.73 8.94
N LEU A 300 0.94 -11.71 9.81
CA LEU A 300 0.97 -11.90 11.26
C LEU A 300 -0.40 -11.51 11.82
N MET A 301 -1.04 -12.45 12.51
CA MET A 301 -2.36 -12.21 13.11
C MET A 301 -2.25 -11.96 14.60
N PHE A 302 -3.09 -11.04 15.10
CA PHE A 302 -3.15 -10.66 16.50
C PHE A 302 -4.63 -10.69 16.92
N GLU A 303 -4.86 -10.91 18.19
CA GLU A 303 -6.19 -10.76 18.80
C GLU A 303 -6.68 -9.30 18.65
N ASP A 304 -5.79 -8.32 18.94
CA ASP A 304 -6.18 -6.91 18.96
C ASP A 304 -5.48 -6.10 17.86
N GLN A 305 -5.89 -6.30 16.59
CA GLN A 305 -5.22 -5.70 15.42
C GLN A 305 -5.49 -4.18 15.33
N ASP A 306 -6.47 -3.72 16.11
CA ASP A 306 -6.92 -2.33 16.18
C ASP A 306 -6.24 -1.54 17.32
N LYS A 307 -5.31 -2.17 18.08
CA LYS A 307 -4.66 -1.54 19.26
C LYS A 307 -3.16 -1.47 19.11
N ALA A 308 -2.61 -0.29 18.91
CA ALA A 308 -1.19 -0.22 18.59
C ALA A 308 -0.29 -0.62 19.79
N GLU A 309 -0.74 -0.37 21.07
CA GLU A 309 0.09 -0.63 22.27
C GLU A 309 0.32 -2.12 22.41
N GLU A 310 -0.67 -2.90 21.94
CA GLU A 310 -0.66 -4.36 22.02
C GLU A 310 0.21 -4.96 20.92
N ILE A 311 0.11 -4.45 19.69
CA ILE A 311 0.73 -5.12 18.54
C ILE A 311 2.08 -4.49 18.11
N GLY A 312 2.35 -3.26 18.53
CA GLY A 312 3.54 -2.54 18.10
C GLY A 312 4.84 -3.23 18.46
N PRO A 313 5.07 -3.60 19.74
CA PRO A 313 6.28 -4.39 20.10
C PRO A 313 6.43 -5.69 19.33
N ALA A 314 5.32 -6.44 19.11
CA ALA A 314 5.32 -7.69 18.31
C ALA A 314 5.78 -7.43 16.89
N ILE A 315 5.23 -6.39 16.23
CA ILE A 315 5.64 -6.05 14.84
C ILE A 315 7.11 -5.64 14.81
N GLN A 316 7.53 -4.81 15.77
CA GLN A 316 8.94 -4.44 15.87
C GLN A 316 9.83 -5.71 16.00
N ASP A 317 9.46 -6.63 16.90
CA ASP A 317 10.26 -7.84 17.11
C ASP A 317 10.33 -8.69 15.82
N ALA A 318 9.16 -8.88 15.15
CA ALA A 318 9.08 -9.62 13.90
C ALA A 318 9.96 -8.94 12.84
N TYR A 319 9.83 -7.62 12.73
CA TYR A 319 10.59 -6.85 11.73
C TYR A 319 12.12 -7.08 11.93
N MET A 320 12.61 -7.06 13.19
CA MET A 320 14.07 -7.20 13.47
C MET A 320 14.55 -8.58 12.99
N HIS A 321 13.72 -9.60 13.25
CA HIS A 321 14.06 -10.91 12.71
C HIS A 321 13.99 -10.99 11.19
N ILE A 322 12.88 -10.55 10.58
CA ILE A 322 12.68 -10.60 9.12
C ILE A 322 13.84 -9.90 8.42
N THR A 323 14.16 -8.67 8.87
CA THR A 323 15.23 -7.93 8.22
C THR A 323 16.57 -8.71 8.33
N SER A 324 16.85 -9.41 9.46
CA SER A 324 18.10 -10.18 9.56
C SER A 324 18.16 -11.38 8.62
N VAL A 325 17.03 -12.10 8.50
CA VAL A 325 16.89 -13.21 7.55
C VAL A 325 17.05 -12.72 6.08
N LEU A 326 16.33 -11.67 5.69
CA LEU A 326 16.37 -11.07 4.35
C LEU A 326 17.78 -10.59 3.95
N LYS A 327 18.50 -9.93 4.88
CA LYS A 327 19.87 -9.45 4.68
C LYS A 327 20.77 -10.59 4.15
N ILE A 328 20.63 -11.80 4.69
CA ILE A 328 21.54 -12.87 4.30
C ILE A 328 21.41 -13.17 2.78
N PHE A 329 20.17 -13.20 2.24
CA PHE A 329 19.94 -13.62 0.87
C PHE A 329 19.45 -12.50 -0.06
N GLN A 330 19.84 -11.25 0.26
CA GLN A 330 19.46 -10.02 -0.41
C GLN A 330 17.95 -9.90 -0.71
N GLY A 331 17.11 -10.29 0.25
CA GLY A 331 15.68 -10.05 0.13
C GLY A 331 15.37 -8.63 0.53
N GLN A 332 14.23 -8.10 0.11
CA GLN A 332 13.79 -6.77 0.47
C GLN A 332 12.38 -6.85 0.99
N ILE A 333 12.07 -6.02 1.96
CA ILE A 333 10.67 -5.74 2.31
C ILE A 333 10.19 -4.65 1.34
N ASN A 334 9.31 -4.99 0.41
CA ASN A 334 8.73 -4.00 -0.51
C ASN A 334 7.66 -3.13 0.15
N LYS A 335 6.82 -3.71 0.99
CA LYS A 335 5.63 -3.04 1.53
C LYS A 335 5.24 -3.70 2.81
N VAL A 336 4.74 -2.89 3.76
CA VAL A 336 4.05 -3.42 4.96
C VAL A 336 2.71 -2.71 5.03
N PHE A 337 1.67 -3.46 5.26
CA PHE A 337 0.31 -2.92 5.34
C PHE A 337 -0.60 -3.83 6.17
N MET A 338 -1.76 -3.27 6.66
CA MET A 338 -2.72 -4.02 7.49
C MET A 338 -3.73 -4.80 6.64
N PHE A 339 -4.10 -5.99 7.11
CA PHE A 339 -5.27 -6.73 6.62
C PHE A 339 -6.21 -6.84 7.82
N ASP A 340 -7.34 -7.55 7.68
CA ASP A 340 -8.42 -7.53 8.65
C ASP A 340 -8.02 -7.97 10.07
N LYS A 341 -7.03 -8.88 10.21
CA LYS A 341 -6.66 -9.44 11.51
C LYS A 341 -5.20 -9.16 11.93
N GLY A 342 -4.49 -8.30 11.18
CA GLY A 342 -3.08 -8.07 11.44
C GLY A 342 -2.26 -7.45 10.32
N CYS A 343 -0.98 -7.83 10.24
CA CYS A 343 0.09 -7.11 9.56
C CYS A 343 0.67 -7.99 8.41
N SER A 344 0.75 -7.46 7.17
CA SER A 344 1.31 -8.19 6.02
C SER A 344 2.65 -7.56 5.58
N PHE A 345 3.70 -8.39 5.45
CA PHE A 345 5.02 -7.98 4.91
C PHE A 345 5.17 -8.57 3.52
N LEU A 346 5.27 -7.70 2.47
CA LEU A 346 5.52 -8.16 1.11
C LEU A 346 7.02 -8.20 0.93
N CYS A 347 7.63 -9.40 1.01
CA CYS A 347 9.10 -9.56 0.81
C CYS A 347 9.37 -10.07 -0.61
N VAL A 348 10.48 -9.60 -1.20
CA VAL A 348 10.83 -9.91 -2.58
C VAL A 348 12.29 -10.35 -2.63
N PHE A 349 12.53 -11.50 -3.30
CA PHE A 349 13.86 -12.02 -3.63
C PHE A 349 14.07 -11.97 -5.14
N GLY A 350 15.27 -11.62 -5.58
CA GLY A 350 15.69 -11.85 -6.96
C GLY A 350 15.85 -13.34 -7.27
N PHE A 351 15.10 -13.83 -8.28
CA PHE A 351 15.13 -15.23 -8.71
C PHE A 351 16.52 -15.63 -9.37
N PRO A 352 17.15 -14.86 -10.31
CA PRO A 352 18.50 -15.24 -10.76
C PRO A 352 19.67 -14.64 -9.97
N GLY A 353 19.40 -14.21 -8.74
CA GLY A 353 20.43 -13.96 -7.74
C GLY A 353 20.76 -15.26 -7.07
N GLU A 354 21.77 -15.99 -7.61
CA GLU A 354 22.05 -17.44 -7.49
C GLU A 354 21.04 -18.26 -8.28
N LYS A 355 21.49 -19.39 -8.87
CA LYS A 355 20.72 -20.05 -9.91
C LYS A 355 19.93 -21.29 -9.47
N VAL A 356 18.82 -21.53 -10.20
CA VAL A 356 17.90 -22.67 -10.25
C VAL A 356 17.57 -23.24 -8.81
N PRO A 357 18.15 -24.38 -8.32
CA PRO A 357 17.65 -24.97 -7.07
C PRO A 357 18.07 -24.22 -5.81
N ASP A 358 19.29 -23.64 -5.81
CA ASP A 358 19.82 -22.79 -4.73
C ASP A 358 18.92 -21.60 -4.32
N GLU A 359 18.47 -20.71 -5.25
CA GLU A 359 17.70 -19.50 -4.85
C GLU A 359 16.34 -19.86 -4.29
N LEU A 360 15.62 -20.75 -4.98
CA LEU A 360 14.28 -21.15 -4.53
C LEU A 360 14.37 -21.85 -3.19
N THR A 361 15.40 -22.70 -3.00
CA THR A 361 15.69 -23.33 -1.69
C THR A 361 15.86 -22.26 -0.61
N HIS A 362 16.66 -21.23 -0.89
CA HIS A 362 16.91 -20.11 0.02
C HIS A 362 15.62 -19.39 0.41
N ALA A 363 14.74 -19.06 -0.57
CA ALA A 363 13.48 -18.38 -0.29
C ALA A 363 12.63 -19.25 0.65
N LEU A 364 12.53 -20.57 0.39
CA LEU A 364 11.80 -21.48 1.29
C LEU A 364 12.40 -21.54 2.68
N GLU A 365 13.74 -21.66 2.74
CA GLU A 365 14.46 -21.69 4.03
C GLU A 365 14.26 -20.36 4.80
N CYS A 366 14.29 -19.23 4.11
CA CYS A 366 14.01 -17.94 4.73
C CYS A 366 12.60 -17.89 5.29
N ALA A 367 11.63 -18.33 4.47
CA ALA A 367 10.24 -18.42 4.88
C ALA A 367 10.10 -19.24 6.18
N MET A 368 10.71 -20.44 6.24
CA MET A 368 10.62 -21.27 7.43
C MET A 368 11.26 -20.60 8.66
N ASP A 369 12.43 -20.00 8.46
CA ASP A 369 13.13 -19.24 9.51
C ASP A 369 12.21 -18.13 10.09
N ILE A 370 11.60 -17.31 9.23
CA ILE A 370 10.64 -16.27 9.64
C ILE A 370 9.47 -16.88 10.34
N PHE A 371 8.92 -17.95 9.76
CA PHE A 371 7.77 -18.63 10.36
C PHE A 371 8.08 -19.08 11.81
N ASP A 372 9.22 -19.78 12.02
CA ASP A 372 9.58 -20.33 13.33
C ASP A 372 9.81 -19.24 14.36
N PHE A 373 10.51 -18.17 13.99
CA PHE A 373 10.78 -17.07 14.92
C PHE A 373 9.47 -16.33 15.24
N CYS A 374 8.71 -15.93 14.21
CA CYS A 374 7.51 -15.12 14.47
C CYS A 374 6.46 -15.86 15.26
N SER A 375 6.40 -17.21 15.11
CA SER A 375 5.49 -18.07 15.89
C SER A 375 5.77 -18.00 17.39
N GLN A 376 7.00 -17.64 17.80
CA GLN A 376 7.36 -17.59 19.23
C GLN A 376 7.34 -16.15 19.78
N VAL A 377 6.97 -15.17 18.94
CA VAL A 377 6.81 -13.77 19.40
C VAL A 377 5.53 -13.65 20.22
N HIS A 378 5.67 -13.13 21.45
CA HIS A 378 4.56 -12.82 22.35
C HIS A 378 3.56 -11.96 21.64
N LYS A 379 2.30 -12.41 21.67
CA LYS A 379 1.11 -11.75 21.12
C LYS A 379 0.89 -12.05 19.64
N ILE A 380 1.84 -12.69 18.97
CA ILE A 380 1.57 -13.15 17.59
C ILE A 380 0.79 -14.46 17.69
N GLN A 381 -0.50 -14.45 17.28
CA GLN A 381 -1.40 -15.59 17.41
C GLN A 381 -1.21 -16.61 16.28
N THR A 382 -1.04 -16.12 15.01
CA THR A 382 -0.95 -16.98 13.82
C THR A 382 0.08 -16.36 12.87
N VAL A 383 0.94 -17.19 12.27
CA VAL A 383 1.84 -16.72 11.20
C VAL A 383 1.45 -17.51 9.97
N SER A 384 1.36 -16.83 8.82
CA SER A 384 1.02 -17.51 7.58
C SER A 384 1.92 -16.94 6.51
N ILE A 385 2.52 -17.82 5.67
CA ILE A 385 3.48 -17.34 4.67
C ILE A 385 3.21 -17.99 3.33
N GLY A 386 3.04 -17.17 2.31
CA GLY A 386 2.85 -17.65 0.94
C GLY A 386 4.05 -17.31 0.08
N VAL A 387 4.53 -18.30 -0.66
CA VAL A 387 5.77 -18.18 -1.43
C VAL A 387 5.40 -18.50 -2.89
N ALA A 388 5.64 -17.54 -3.80
CA ALA A 388 5.27 -17.70 -5.21
C ALA A 388 6.35 -17.09 -6.09
N SER A 389 6.68 -17.72 -7.24
CA SER A 389 7.82 -17.33 -8.08
C SER A 389 7.38 -17.20 -9.52
N GLY A 390 7.84 -16.13 -10.15
CA GLY A 390 7.45 -15.87 -11.53
C GLY A 390 7.69 -14.42 -11.89
N ILE A 391 7.16 -14.03 -13.05
CA ILE A 391 7.43 -12.71 -13.61
C ILE A 391 6.47 -11.74 -13.00
N VAL A 392 7.02 -10.63 -12.47
CA VAL A 392 6.22 -9.56 -11.91
C VAL A 392 6.64 -8.25 -12.57
N PHE A 393 5.76 -7.28 -12.55
CA PHE A 393 6.10 -5.91 -12.97
C PHE A 393 6.61 -5.20 -11.72
N CYS A 394 7.71 -4.46 -11.89
CA CYS A 394 8.24 -3.57 -10.86
C CYS A 394 8.33 -2.16 -11.45
N GLY A 395 8.13 -1.17 -10.61
CA GLY A 395 8.36 0.20 -11.08
C GLY A 395 7.82 1.24 -10.11
N ILE A 396 8.25 2.48 -10.33
CA ILE A 396 7.74 3.61 -9.55
C ILE A 396 6.44 4.06 -10.16
N VAL A 397 5.36 3.91 -9.38
CA VAL A 397 4.02 4.22 -9.81
C VAL A 397 3.39 5.34 -8.98
N GLY A 398 2.71 6.23 -9.69
CA GLY A 398 1.96 7.34 -9.08
C GLY A 398 2.18 8.63 -9.83
N HIS A 399 2.11 9.73 -9.09
CA HIS A 399 2.26 11.07 -9.65
C HIS A 399 3.70 11.54 -9.45
N THR A 400 4.15 12.48 -10.31
CA THR A 400 5.47 13.12 -10.11
C THR A 400 5.70 13.51 -8.63
N VAL A 401 4.66 14.10 -8.00
CA VAL A 401 4.84 14.60 -6.62
C VAL A 401 4.61 13.54 -5.53
N ARG A 402 4.02 12.37 -5.87
CA ARG A 402 3.62 11.37 -4.90
C ARG A 402 3.54 10.03 -5.58
N HIS A 403 4.57 9.21 -5.35
CA HIS A 403 4.71 7.92 -6.05
C HIS A 403 5.48 6.95 -5.18
N GLU A 404 5.40 5.64 -5.47
CA GLU A 404 6.07 4.63 -4.64
C GLU A 404 6.45 3.47 -5.53
N TYR A 405 7.56 2.81 -5.18
CA TYR A 405 7.99 1.63 -5.92
C TYR A 405 7.03 0.52 -5.57
N THR A 406 6.57 -0.21 -6.58
CA THR A 406 5.51 -1.17 -6.38
CA THR A 406 5.49 -1.18 -6.43
C THR A 406 5.86 -2.44 -7.19
N VAL A 407 5.40 -3.58 -6.68
CA VAL A 407 5.55 -4.84 -7.39
CA VAL A 407 5.57 -4.85 -7.34
C VAL A 407 4.14 -5.39 -7.58
N ILE A 408 3.81 -5.73 -8.81
CA ILE A 408 2.46 -6.21 -9.15
C ILE A 408 2.47 -7.37 -10.11
N GLY A 409 1.46 -8.20 -9.99
CA GLY A 409 1.35 -9.29 -10.94
C GLY A 409 0.62 -10.47 -10.34
N GLN A 410 0.27 -11.42 -11.20
CA GLN A 410 -0.43 -12.65 -10.80
C GLN A 410 0.23 -13.35 -9.62
N LYS A 411 1.57 -13.46 -9.64
CA LYS A 411 2.30 -14.17 -8.57
C LYS A 411 2.28 -13.41 -7.24
N VAL A 412 2.25 -12.07 -7.28
CA VAL A 412 2.05 -11.33 -6.03
C VAL A 412 0.66 -11.63 -5.42
N ASN A 413 -0.36 -11.62 -6.26
CA ASN A 413 -1.73 -11.86 -5.86
C ASN A 413 -1.84 -13.31 -5.32
N LEU A 414 -1.15 -14.25 -5.97
CA LEU A 414 -1.20 -15.69 -5.62
C LEU A 414 -0.59 -15.82 -4.21
N ALA A 415 0.63 -15.25 -3.98
CA ALA A 415 1.25 -15.35 -2.61
C ALA A 415 0.37 -14.73 -1.51
N ALA A 416 -0.29 -13.58 -1.81
CA ALA A 416 -1.23 -12.89 -0.92
C ALA A 416 -2.46 -13.77 -0.59
N ARG A 417 -3.05 -14.42 -1.58
CA ARG A 417 -4.22 -15.28 -1.32
C ARG A 417 -3.80 -16.53 -0.56
N MET A 418 -2.63 -17.12 -0.89
CA MET A 418 -2.21 -18.40 -0.24
C MET A 418 -2.05 -18.15 1.25
N MET A 419 -1.53 -16.96 1.66
CA MET A 419 -1.32 -16.75 3.08
C MET A 419 -2.68 -16.55 3.81
N MET A 420 -3.77 -16.21 3.06
CA MET A 420 -5.11 -16.08 3.65
C MET A 420 -5.90 -17.39 3.63
N TYR A 421 -5.84 -18.14 2.53
CA TYR A 421 -6.58 -19.39 2.37
C TYR A 421 -5.92 -20.58 3.06
N TYR A 422 -4.62 -20.46 3.35
CA TYR A 422 -3.88 -21.54 4.02
C TYR A 422 -3.22 -20.92 5.28
N PRO A 423 -4.01 -20.50 6.28
CA PRO A 423 -3.42 -19.79 7.42
C PRO A 423 -2.60 -20.76 8.28
N GLY A 424 -1.58 -20.25 8.95
CA GLY A 424 -0.86 -21.02 9.97
C GLY A 424 0.32 -21.84 9.47
N ILE A 425 0.57 -21.83 8.13
CA ILE A 425 1.59 -22.68 7.54
C ILE A 425 2.42 -21.91 6.49
N VAL A 426 3.52 -22.51 6.02
CA VAL A 426 4.30 -21.94 4.89
C VAL A 426 3.80 -22.68 3.65
N THR A 427 3.31 -21.94 2.66
CA THR A 427 2.83 -22.52 1.42
C THR A 427 3.65 -22.02 0.24
N CYS A 428 3.74 -22.84 -0.82
CA CYS A 428 4.43 -22.42 -2.01
C CYS A 428 3.75 -22.92 -3.29
N ASP A 429 3.96 -22.18 -4.39
CA ASP A 429 3.41 -22.60 -5.67
C ASP A 429 4.23 -23.72 -6.36
N SER A 430 3.77 -24.15 -7.55
CA SER A 430 4.44 -25.24 -8.29
C SER A 430 5.81 -24.84 -8.84
N VAL A 431 5.97 -23.58 -9.28
CA VAL A 431 7.28 -23.11 -9.76
C VAL A 431 8.35 -23.25 -8.66
N THR A 432 7.99 -22.83 -7.43
CA THR A 432 8.92 -22.89 -6.32
C THR A 432 9.21 -24.32 -5.94
N TYR A 433 8.16 -25.14 -5.86
CA TYR A 433 8.29 -26.52 -5.42
C TYR A 433 9.20 -27.28 -6.40
N ASN A 434 8.86 -27.21 -7.69
CA ASN A 434 9.59 -27.93 -8.74
C ASN A 434 10.99 -27.40 -8.93
N GLY A 435 11.14 -26.09 -8.84
CA GLY A 435 12.42 -25.43 -9.05
C GLY A 435 13.46 -25.69 -7.98
N SER A 436 13.03 -25.77 -6.69
CA SER A 436 13.93 -25.96 -5.53
C SER A 436 14.77 -27.27 -5.62
N ASN A 437 14.26 -28.30 -6.32
CA ASN A 437 14.88 -29.65 -6.42
C ASN A 437 15.08 -30.34 -5.05
N LEU A 438 14.65 -29.68 -3.94
CA LEU A 438 14.59 -30.22 -2.57
C LEU A 438 13.82 -31.52 -2.59
N PRO A 439 14.06 -32.48 -1.67
CA PRO A 439 13.34 -33.75 -1.79
C PRO A 439 11.83 -33.53 -1.63
N ALA A 440 11.03 -34.37 -2.27
CA ALA A 440 9.58 -34.17 -2.29
C ALA A 440 8.95 -34.27 -0.88
N TYR A 441 9.50 -35.11 0.04
CA TYR A 441 9.00 -35.27 1.40
C TYR A 441 9.23 -34.05 2.31
N PHE A 442 9.95 -33.03 1.83
CA PHE A 442 10.01 -31.73 2.55
C PHE A 442 8.70 -30.94 2.38
N PHE A 443 7.75 -31.48 1.59
CA PHE A 443 6.53 -30.75 1.28
C PHE A 443 5.33 -31.64 1.49
N LYS A 444 4.16 -31.01 1.51
CA LYS A 444 2.88 -31.69 1.49
C LYS A 444 2.04 -31.08 0.38
N GLU A 445 1.56 -31.89 -0.55
CA GLU A 445 0.65 -31.39 -1.58
C GLU A 445 -0.70 -31.05 -0.93
N LEU A 446 -1.22 -29.84 -1.18
CA LEU A 446 -2.38 -29.35 -0.46
C LEU A 446 -3.72 -29.54 -1.21
N PRO A 447 -4.84 -29.59 -0.46
CA PRO A 447 -6.15 -29.59 -1.14
C PRO A 447 -6.32 -28.30 -1.93
N LYS A 448 -6.98 -28.41 -3.09
CA LYS A 448 -7.21 -27.26 -3.97
C LYS A 448 -8.28 -26.37 -3.33
N LYS A 449 -8.09 -25.05 -3.39
CA LYS A 449 -9.09 -24.12 -2.89
C LYS A 449 -9.45 -23.15 -3.98
N VAL A 450 -10.72 -22.76 -4.06
CA VAL A 450 -11.10 -21.69 -5.00
C VAL A 450 -10.81 -20.38 -4.28
N MET A 451 -9.76 -19.67 -4.73
CA MET A 451 -9.29 -18.43 -4.10
C MET A 451 -9.76 -17.25 -4.92
N LYS A 452 -10.59 -16.38 -4.32
CA LYS A 452 -11.18 -15.20 -4.96
C LYS A 452 -10.10 -14.28 -5.53
N GLY A 453 -10.13 -14.11 -6.85
CA GLY A 453 -9.25 -13.19 -7.57
C GLY A 453 -8.10 -13.83 -8.31
N VAL A 454 -7.87 -15.13 -8.09
CA VAL A 454 -6.84 -15.88 -8.81
C VAL A 454 -7.46 -17.17 -9.39
N ALA A 455 -7.15 -17.46 -10.66
CA ALA A 455 -7.66 -18.64 -11.35
C ALA A 455 -6.49 -19.49 -11.85
N ASP A 456 -6.70 -20.83 -11.92
CA ASP A 456 -5.72 -21.84 -12.38
C ASP A 456 -4.37 -21.68 -11.66
N SER A 457 -4.42 -21.79 -10.32
CA SER A 457 -3.27 -21.63 -9.42
C SER A 457 -2.19 -22.72 -9.56
N GLY A 458 -2.53 -23.86 -10.18
CA GLY A 458 -1.68 -25.06 -10.25
C GLY A 458 -1.62 -25.78 -8.92
N PRO A 459 -0.93 -26.96 -8.77
CA PRO A 459 -0.81 -27.53 -7.43
C PRO A 459 -0.12 -26.57 -6.46
N LEU A 460 -0.67 -26.45 -5.25
CA LEU A 460 0.02 -25.72 -4.17
C LEU A 460 0.55 -26.71 -3.13
N TYR A 461 1.58 -26.30 -2.37
CA TYR A 461 2.26 -27.17 -1.45
C TYR A 461 2.49 -26.47 -0.13
N GLN A 462 2.51 -27.23 0.92
CA GLN A 462 2.99 -26.72 2.20
C GLN A 462 4.46 -27.10 2.25
N TYR A 463 5.30 -26.16 2.70
CA TYR A 463 6.68 -26.50 3.03
C TYR A 463 6.69 -26.99 4.45
N TRP A 464 6.86 -28.30 4.58
CA TRP A 464 6.76 -28.97 5.87
C TRP A 464 8.06 -28.83 6.61
N GLY A 465 9.16 -28.84 5.86
CA GLY A 465 10.51 -28.64 6.37
C GLY A 465 11.31 -29.93 6.33
N ARG A 466 12.52 -29.89 6.89
CA ARG A 466 13.54 -30.96 6.78
C ARG A 466 13.20 -32.24 7.53
N THR A 467 12.36 -32.16 8.58
CA THR A 467 12.06 -33.35 9.41
C THR A 467 10.54 -33.60 9.50
N GLU A 468 10.11 -34.70 10.14
CA GLU A 468 8.67 -34.94 10.35
C GLU A 468 8.00 -33.89 11.27
N LYS A 469 8.81 -33.18 12.10
CA LYS A 469 8.42 -32.05 12.96
C LYS A 469 7.44 -31.05 12.29
N VAL A 470 6.41 -30.61 13.07
CA VAL A 470 5.33 -29.69 12.70
C VAL A 470 4.26 -30.43 11.85
C1 GOL B . 16.54 -6.14 4.10
O1 GOL B . 16.90 -6.89 5.25
C2 GOL B . 15.07 -5.75 4.10
O2 GOL B . 14.64 -5.41 5.42
C3 GOL B . 14.98 -4.53 3.22
O3 GOL B . 13.67 -4.00 3.19
C BCT C . -1.76 0.27 6.77
O1 BCT C . -1.68 -0.36 5.72
O2 BCT C . -0.85 1.04 7.15
O3 BCT C . -2.89 0.18 7.47
#